data_7K5W
#
_entry.id   7K5W
#
_entity_poly.entity_id   1
_entity_poly.type   'polypeptide(L)'
_entity_poly.pdbx_seq_one_letter_code
;MEFLKRSFAPLTEKQWQEIDNRAREIFKTQLYGRKFVDVEGPYGWEYAAHPLGEVEVLSDENEVVKWGLRKSLPLIELRA
TFTLDLWELDNLERGKPNVDLSSLEETVRKVAEFEDEVIFRGCEKSGVKGLLSFEERKIECGSTPKDLLEAIVRALSIFS
KDGIEGPYTLVINTDRWINFLKEEAGHYPLEKRVEECLRGGKIITTPRIEDALVVSERGGDFKLILGQDLSIGYEDREKD
AVRLFITETFTFQVVNPEALILLKFSGHHHHHH
;
_entity_poly.pdbx_strand_id   A
#
# COMPACT_ATOMS: atom_id res chain seq x y z
N MET A 1 0.36 17.66 12.10
CA MET A 1 0.40 19.10 12.32
C MET A 1 -0.66 19.50 13.32
N GLU A 2 -0.99 20.78 13.39
CA GLU A 2 -1.83 21.54 14.30
C GLU A 2 -3.23 20.94 14.39
N PHE A 3 -3.72 20.38 13.29
CA PHE A 3 -5.01 19.71 13.34
C PHE A 3 -4.96 18.42 14.14
N LEU A 4 -3.76 17.97 14.52
CA LEU A 4 -3.61 16.73 15.27
C LEU A 4 -3.71 16.94 16.76
N LYS A 5 -3.61 18.18 17.22
CA LYS A 5 -3.85 18.51 18.62
C LYS A 5 -2.91 17.74 19.54
N ARG A 6 -1.72 17.44 19.05
CA ARG A 6 -0.75 16.72 19.86
C ARG A 6 -0.34 17.54 21.08
N SER A 7 -0.30 18.86 20.95
CA SER A 7 0.10 19.74 22.04
C SER A 7 -0.85 19.68 23.22
N PHE A 8 -2.08 19.24 23.01
CA PHE A 8 -3.09 19.21 24.05
C PHE A 8 -3.17 17.87 24.73
N ALA A 9 -2.33 16.92 24.32
CA ALA A 9 -2.31 15.63 24.96
C ALA A 9 -1.43 15.68 26.20
N PRO A 10 -1.88 15.10 27.29
CA PRO A 10 -1.12 15.12 28.54
C PRO A 10 0.12 14.23 28.51
N LEU A 11 0.96 14.44 27.50
CA LEU A 11 2.11 13.60 27.26
C LEU A 11 3.36 14.42 27.10
N THR A 12 4.47 13.82 27.45
CA THR A 12 5.77 14.40 27.21
C THR A 12 6.31 13.97 25.85
N GLU A 13 7.32 14.70 25.39
CA GLU A 13 7.93 14.39 24.10
C GLU A 13 8.49 12.97 24.08
N LYS A 14 8.95 12.47 25.22
CA LYS A 14 9.48 11.11 25.26
C LYS A 14 8.42 10.10 24.88
N GLN A 15 7.22 10.28 25.40
CA GLN A 15 6.13 9.35 25.15
C GLN A 15 5.66 9.43 23.70
N TRP A 16 5.48 10.65 23.21
CA TRP A 16 5.18 10.85 21.80
C TRP A 16 6.20 10.15 20.93
N GLN A 17 7.48 10.25 21.29
CA GLN A 17 8.54 9.65 20.51
C GLN A 17 8.43 8.14 20.49
N GLU A 18 8.24 7.52 21.64
CA GLU A 18 8.07 6.08 21.67
C GLU A 18 6.90 5.64 20.79
N ILE A 19 5.78 6.35 20.92
CA ILE A 19 4.59 6.01 20.16
C ILE A 19 4.89 6.09 18.66
N ASP A 20 5.46 7.20 18.25
CA ASP A 20 5.77 7.41 16.84
C ASP A 20 6.73 6.35 16.32
N ASN A 21 7.73 6.01 17.10
CA ASN A 21 8.71 5.01 16.68
C ASN A 21 8.05 3.68 16.42
N ARG A 22 7.26 3.19 17.37
CA ARG A 22 6.62 1.90 17.16
C ARG A 22 5.71 1.95 15.95
N ALA A 23 4.97 3.04 15.79
CA ALA A 23 4.10 3.18 14.63
C ALA A 23 4.91 3.05 13.34
N ARG A 24 6.01 3.77 13.25
CA ARG A 24 6.83 3.75 12.05
C ARG A 24 7.34 2.36 11.76
N GLU A 25 7.79 1.64 12.78
CA GLU A 25 8.31 0.30 12.57
C GLU A 25 7.23 -0.61 12.00
N ILE A 26 6.09 -0.70 12.70
CA ILE A 26 5.02 -1.55 12.21
C ILE A 26 4.67 -1.19 10.78
N PHE A 27 4.64 0.11 10.47
CA PHE A 27 4.21 0.52 9.15
C PHE A 27 5.19 0.10 8.09
N LYS A 28 6.47 0.40 8.31
CA LYS A 28 7.49 0.01 7.36
C LYS A 28 7.44 -1.48 7.07
N THR A 29 7.14 -2.29 8.08
CA THR A 29 7.10 -3.72 7.82
C THR A 29 5.76 -4.23 7.32
N GLN A 30 4.69 -3.46 7.45
CA GLN A 30 3.35 -3.93 7.11
C GLN A 30 2.78 -3.27 5.87
N LEU A 31 3.38 -2.18 5.40
CA LEU A 31 2.94 -1.52 4.18
C LEU A 31 3.67 -2.14 3.01
N TYR A 32 2.97 -2.92 2.22
CA TYR A 32 3.58 -3.67 1.14
C TYR A 32 3.50 -2.92 -0.18
N GLY A 33 2.36 -2.31 -0.49
CA GLY A 33 2.25 -1.51 -1.69
C GLY A 33 3.32 -0.46 -1.79
N ARG A 34 3.65 0.18 -0.67
CA ARG A 34 4.71 1.19 -0.65
C ARG A 34 6.01 0.68 -1.22
N LYS A 35 6.16 -0.63 -1.37
CA LYS A 35 7.36 -1.23 -1.90
C LYS A 35 7.41 -1.26 -3.43
N PHE A 36 6.25 -1.24 -4.09
CA PHE A 36 6.18 -1.33 -5.54
C PHE A 36 5.76 -0.04 -6.22
N VAL A 37 4.85 0.72 -5.61
CA VAL A 37 4.21 1.83 -6.28
C VAL A 37 4.89 3.12 -5.87
N ASP A 38 4.91 4.06 -6.80
CA ASP A 38 5.46 5.37 -6.53
C ASP A 38 4.54 6.13 -5.60
N VAL A 39 5.07 7.18 -4.98
CA VAL A 39 4.31 8.02 -4.06
C VAL A 39 4.47 9.46 -4.50
N GLU A 40 3.35 10.14 -4.71
CA GLU A 40 3.45 11.59 -4.94
C GLU A 40 2.70 12.30 -3.83
N GLY A 41 3.12 13.53 -3.58
CA GLY A 41 2.68 14.26 -2.42
C GLY A 41 3.79 14.33 -1.40
N PRO A 42 3.43 14.59 -0.15
CA PRO A 42 2.07 14.84 0.32
C PRO A 42 1.51 16.17 -0.19
N TYR A 43 0.22 16.17 -0.53
CA TYR A 43 -0.48 17.38 -0.94
C TYR A 43 -1.28 18.00 0.20
N GLY A 44 -1.53 17.26 1.27
CA GLY A 44 -2.52 17.64 2.27
C GLY A 44 -2.18 18.94 2.93
N TRP A 45 -2.97 19.30 3.94
CA TRP A 45 -4.08 18.52 4.50
C TRP A 45 -5.41 18.84 3.82
N GLU A 46 -5.39 19.84 2.95
CA GLU A 46 -6.61 20.31 2.32
C GLU A 46 -6.90 19.64 0.98
N TYR A 47 -5.90 19.05 0.35
CA TYR A 47 -6.09 18.39 -0.92
C TYR A 47 -7.27 17.44 -0.87
N ALA A 48 -8.18 17.57 -1.83
CA ALA A 48 -9.45 16.86 -1.81
C ALA A 48 -9.68 15.94 -3.00
N ALA A 49 -9.09 16.23 -4.16
CA ALA A 49 -9.30 15.38 -5.32
C ALA A 49 -8.13 15.50 -6.28
N HIS A 50 -7.85 14.39 -6.97
CA HIS A 50 -6.76 14.32 -7.93
C HIS A 50 -7.32 14.30 -9.34
N PRO A 51 -6.92 15.20 -10.22
CA PRO A 51 -7.55 15.27 -11.54
C PRO A 51 -7.20 14.08 -12.42
N LEU A 52 -8.16 13.70 -13.26
CA LEU A 52 -7.97 12.63 -14.22
C LEU A 52 -7.71 13.13 -15.63
N GLY A 53 -8.16 14.32 -15.97
CA GLY A 53 -7.86 14.90 -17.28
C GLY A 53 -8.90 14.63 -18.32
N GLU A 54 -10.17 14.57 -17.95
CA GLU A 54 -11.24 14.29 -18.89
C GLU A 54 -12.46 15.13 -18.55
N VAL A 55 -13.34 15.26 -19.54
CA VAL A 55 -14.60 15.95 -19.40
C VAL A 55 -15.71 14.98 -19.77
N GLU A 56 -16.69 14.84 -18.88
CA GLU A 56 -17.93 14.16 -19.21
C GLU A 56 -18.94 15.20 -19.66
N VAL A 57 -19.39 15.08 -20.90
CA VAL A 57 -20.26 16.08 -21.50
C VAL A 57 -21.70 15.82 -21.09
N LEU A 58 -22.31 16.81 -20.45
CA LEU A 58 -23.69 16.71 -20.02
C LEU A 58 -24.63 17.43 -20.96
N SER A 59 -24.11 18.38 -21.73
CA SER A 59 -24.90 19.07 -22.74
C SER A 59 -25.59 18.06 -23.64
N ASP A 60 -26.82 18.39 -24.03
CA ASP A 60 -27.48 17.63 -25.06
C ASP A 60 -26.74 17.79 -26.38
N GLU A 61 -27.21 17.10 -27.40
CA GLU A 61 -26.50 17.11 -28.68
C GLU A 61 -26.72 18.41 -29.43
N ASN A 62 -27.94 18.94 -29.41
CA ASN A 62 -28.29 20.08 -30.23
C ASN A 62 -28.14 21.41 -29.49
N GLU A 63 -27.54 21.41 -28.31
CA GLU A 63 -27.28 22.64 -27.61
C GLU A 63 -26.25 23.48 -28.35
N VAL A 64 -26.40 24.79 -28.25
CA VAL A 64 -25.43 25.69 -28.85
C VAL A 64 -24.16 25.73 -28.02
N VAL A 65 -24.30 25.82 -26.70
CA VAL A 65 -23.18 25.85 -25.79
C VAL A 65 -23.05 24.47 -25.18
N LYS A 66 -21.94 23.81 -25.47
CA LYS A 66 -21.65 22.50 -24.92
C LYS A 66 -20.88 22.64 -23.62
N TRP A 67 -21.18 21.76 -22.67
CA TRP A 67 -20.58 21.85 -21.36
C TRP A 67 -20.52 20.46 -20.75
N GLY A 68 -19.57 20.30 -19.84
CA GLY A 68 -19.49 19.08 -19.08
C GLY A 68 -18.80 19.32 -17.76
N LEU A 69 -18.47 18.21 -17.11
CA LEU A 69 -17.82 18.22 -15.81
C LEU A 69 -16.46 17.56 -15.91
N ARG A 70 -15.47 18.22 -15.34
CA ARG A 70 -14.12 17.72 -15.30
C ARG A 70 -13.97 16.72 -14.17
N LYS A 71 -13.27 15.62 -14.44
CA LYS A 71 -13.30 14.46 -13.57
C LYS A 71 -12.05 14.39 -12.69
N SER A 72 -12.20 13.73 -11.54
CA SER A 72 -11.13 13.59 -10.57
C SER A 72 -11.44 12.44 -9.64
N LEU A 73 -10.47 12.12 -8.79
CA LEU A 73 -10.55 11.05 -7.81
C LEU A 73 -10.63 11.66 -6.41
N PRO A 74 -11.65 11.34 -5.62
CA PRO A 74 -11.69 11.86 -4.25
C PRO A 74 -10.70 11.15 -3.35
N LEU A 75 -10.05 11.92 -2.50
CA LEU A 75 -9.13 11.33 -1.54
C LEU A 75 -9.90 10.67 -0.43
N ILE A 76 -9.40 9.53 0.01
CA ILE A 76 -9.99 8.77 1.09
C ILE A 76 -9.37 9.25 2.38
N GLU A 77 -10.22 9.63 3.34
CA GLU A 77 -9.79 10.13 4.62
C GLU A 77 -10.00 9.02 5.65
N LEU A 78 -8.93 8.64 6.31
CA LEU A 78 -8.87 7.49 7.20
C LEU A 78 -8.68 7.97 8.63
N ARG A 79 -9.53 7.46 9.52
CA ARG A 79 -9.42 7.68 10.97
C ARG A 79 -9.52 6.36 11.71
N ALA A 80 -8.65 6.19 12.71
CA ALA A 80 -8.76 5.08 13.64
C ALA A 80 -8.31 5.57 15.00
N THR A 81 -8.78 4.91 16.06
CA THR A 81 -8.51 5.37 17.41
C THR A 81 -7.83 4.30 18.26
N PHE A 82 -6.90 4.77 19.09
CA PHE A 82 -6.24 3.98 20.11
C PHE A 82 -6.58 4.55 21.47
N THR A 83 -6.51 3.71 22.49
CA THR A 83 -6.62 4.12 23.88
C THR A 83 -5.42 3.55 24.63
N LEU A 84 -4.67 4.43 25.28
CA LEU A 84 -3.49 4.05 26.04
C LEU A 84 -3.64 4.44 27.49
N ASP A 85 -3.33 3.52 28.39
CA ASP A 85 -3.33 3.82 29.81
C ASP A 85 -2.27 4.86 30.13
N LEU A 86 -2.56 5.72 31.09
CA LEU A 86 -1.62 6.75 31.49
C LEU A 86 -0.54 6.25 32.43
N TRP A 87 -0.89 5.42 33.41
CA TRP A 87 -0.06 4.91 34.50
C TRP A 87 1.15 4.09 34.05
N GLU A 88 1.29 4.01 32.74
CA GLU A 88 1.95 2.93 32.05
C GLU A 88 2.83 3.57 31.01
N LEU A 89 2.47 4.78 30.60
CA LEU A 89 3.34 5.66 29.83
C LEU A 89 4.18 6.53 30.75
N ASP A 90 3.70 6.86 31.95
CA ASP A 90 4.53 7.64 32.87
C ASP A 90 5.63 6.80 33.49
N ASN A 91 5.49 5.48 33.48
CA ASN A 91 6.58 4.61 33.86
C ASN A 91 7.73 4.70 32.89
N LEU A 92 7.54 5.35 31.75
CA LEU A 92 8.65 5.58 30.84
C LEU A 92 9.67 6.54 31.44
N GLU A 93 9.20 7.69 31.94
CA GLU A 93 10.05 8.65 32.60
C GLU A 93 10.41 8.21 34.00
N ARG A 94 9.85 7.10 34.45
CA ARG A 94 10.24 6.42 35.66
C ARG A 94 11.37 5.44 35.44
N GLY A 95 11.81 5.29 34.19
CA GLY A 95 12.93 4.44 33.85
C GLY A 95 12.60 3.10 33.24
N LYS A 96 11.35 2.85 32.88
CA LYS A 96 11.00 1.57 32.31
C LYS A 96 11.46 1.50 30.87
N PRO A 97 12.13 0.43 30.45
CA PRO A 97 12.59 0.35 29.06
C PRO A 97 11.56 -0.17 28.09
N ASN A 98 10.58 -0.94 28.56
CA ASN A 98 9.58 -1.55 27.68
C ASN A 98 8.21 -1.12 28.15
N VAL A 99 7.60 -0.21 27.41
CA VAL A 99 6.28 0.31 27.70
C VAL A 99 5.27 -0.37 26.78
N ASP A 100 4.18 -0.85 27.36
CA ASP A 100 3.16 -1.57 26.60
C ASP A 100 2.44 -0.62 25.64
N LEU A 101 2.50 -0.95 24.36
CA LEU A 101 1.85 -0.17 23.32
C LEU A 101 1.10 -1.08 22.36
N SER A 102 0.29 -1.98 22.92
CA SER A 102 -0.33 -3.04 22.12
C SER A 102 -1.48 -2.56 21.26
N SER A 103 -2.39 -1.77 21.82
CA SER A 103 -3.50 -1.25 21.05
C SER A 103 -3.03 -0.45 19.84
N LEU A 104 -2.00 0.37 20.04
CA LEU A 104 -1.35 1.04 18.92
C LEU A 104 -0.99 0.06 17.83
N GLU A 105 -0.29 -1.02 18.19
CA GLU A 105 0.18 -1.99 17.21
C GLU A 105 -0.98 -2.63 16.46
N GLU A 106 -1.98 -3.10 17.20
CA GLU A 106 -3.13 -3.72 16.56
C GLU A 106 -3.77 -2.79 15.54
N THR A 107 -4.09 -1.57 15.97
CA THR A 107 -4.82 -0.68 15.10
C THR A 107 -3.98 -0.22 13.92
N VAL A 108 -2.68 -0.04 14.13
CA VAL A 108 -1.76 0.25 13.04
C VAL A 108 -1.81 -0.86 12.00
N ARG A 109 -1.76 -2.11 12.45
CA ARG A 109 -1.84 -3.22 11.53
C ARG A 109 -3.15 -3.19 10.76
N LYS A 110 -4.24 -2.83 11.43
CA LYS A 110 -5.52 -2.79 10.76
C LYS A 110 -5.55 -1.74 9.66
N VAL A 111 -5.01 -0.55 9.94
CA VAL A 111 -5.04 0.48 8.91
C VAL A 111 -4.11 0.15 7.76
N ALA A 112 -2.98 -0.50 8.06
CA ALA A 112 -2.11 -0.98 6.99
C ALA A 112 -2.85 -1.95 6.08
N GLU A 113 -3.56 -2.90 6.69
CA GLU A 113 -4.42 -3.78 5.91
C GLU A 113 -5.39 -3.02 5.05
N PHE A 114 -5.98 -1.95 5.61
CA PHE A 114 -6.95 -1.16 4.86
C PHE A 114 -6.32 -0.57 3.60
N GLU A 115 -5.15 0.05 3.75
CA GLU A 115 -4.52 0.68 2.60
C GLU A 115 -4.10 -0.35 1.58
N ASP A 116 -3.60 -1.49 2.05
CA ASP A 116 -3.17 -2.54 1.13
C ASP A 116 -4.35 -3.12 0.38
N GLU A 117 -5.50 -3.24 1.04
CA GLU A 117 -6.72 -3.66 0.37
C GLU A 117 -7.09 -2.70 -0.74
N VAL A 118 -7.07 -1.40 -0.44
CA VAL A 118 -7.37 -0.41 -1.47
C VAL A 118 -6.43 -0.60 -2.65
N ILE A 119 -5.12 -0.66 -2.39
CA ILE A 119 -4.17 -0.77 -3.50
C ILE A 119 -4.41 -2.03 -4.31
N PHE A 120 -4.71 -3.15 -3.64
CA PHE A 120 -4.72 -4.43 -4.33
C PHE A 120 -6.09 -4.75 -4.93
N ARG A 121 -7.15 -4.54 -4.17
CA ARG A 121 -8.50 -4.74 -4.68
C ARG A 121 -9.19 -3.46 -5.11
N GLY A 122 -8.90 -2.35 -4.47
CA GLY A 122 -9.54 -1.09 -4.79
C GLY A 122 -10.71 -0.78 -3.90
N CYS A 123 -11.53 0.14 -4.40
CA CYS A 123 -12.71 0.60 -3.67
C CYS A 123 -13.72 1.05 -4.71
N GLU A 124 -14.88 0.40 -4.71
CA GLU A 124 -15.93 0.81 -5.63
C GLU A 124 -16.46 2.19 -5.28
N LYS A 125 -16.76 2.41 -4.00
CA LYS A 125 -17.29 3.70 -3.57
C LYS A 125 -16.41 4.84 -4.02
N SER A 126 -15.11 4.72 -3.83
CA SER A 126 -14.15 5.73 -4.22
C SER A 126 -13.84 5.72 -5.70
N GLY A 127 -14.22 4.67 -6.43
CA GLY A 127 -13.87 4.56 -7.82
C GLY A 127 -12.44 4.17 -8.07
N VAL A 128 -11.81 3.48 -7.14
CA VAL A 128 -10.45 2.99 -7.30
C VAL A 128 -10.52 1.54 -7.79
N LYS A 129 -9.75 1.23 -8.81
CA LYS A 129 -9.63 -0.12 -9.32
C LYS A 129 -8.26 -0.64 -8.93
N GLY A 130 -8.23 -1.82 -8.33
CA GLY A 130 -6.99 -2.35 -7.80
C GLY A 130 -6.19 -3.12 -8.81
N LEU A 131 -4.94 -3.37 -8.44
CA LEU A 131 -4.05 -4.16 -9.28
C LEU A 131 -4.68 -5.48 -9.69
N LEU A 132 -5.33 -6.17 -8.75
CA LEU A 132 -5.89 -7.48 -9.03
C LEU A 132 -7.20 -7.42 -9.79
N SER A 133 -7.57 -6.25 -10.27
CA SER A 133 -8.81 -6.07 -11.01
C SER A 133 -8.56 -6.00 -12.52
N PHE A 134 -7.30 -5.92 -12.92
CA PHE A 134 -6.93 -5.89 -14.33
C PHE A 134 -6.77 -7.32 -14.85
N GLU A 135 -7.88 -8.04 -14.82
CA GLU A 135 -7.91 -9.41 -15.29
C GLU A 135 -7.53 -9.53 -16.75
N GLU A 136 -7.61 -8.44 -17.51
CA GLU A 136 -7.25 -8.51 -18.92
C GLU A 136 -5.78 -8.83 -19.12
N ARG A 137 -4.96 -8.72 -18.08
CA ARG A 137 -3.54 -9.01 -18.15
C ARG A 137 -3.24 -10.11 -17.13
N LYS A 138 -3.39 -11.36 -17.57
CA LYS A 138 -3.26 -12.50 -16.69
C LYS A 138 -2.73 -13.69 -17.47
N ILE A 139 -1.82 -14.43 -16.85
CA ILE A 139 -1.22 -15.63 -17.43
C ILE A 139 -1.77 -16.84 -16.69
N GLU A 140 -2.05 -17.89 -17.45
CA GLU A 140 -2.36 -19.18 -16.85
C GLU A 140 -1.13 -20.07 -16.89
N CYS A 141 -0.67 -20.49 -15.71
CA CYS A 141 0.53 -21.31 -15.60
C CYS A 141 0.27 -22.46 -14.65
N GLY A 142 1.27 -23.32 -14.53
CA GLY A 142 1.22 -24.48 -13.69
C GLY A 142 1.30 -24.14 -12.22
N SER A 143 1.87 -25.07 -11.46
CA SER A 143 2.00 -24.92 -10.03
C SER A 143 3.34 -25.39 -9.49
N THR A 144 4.26 -25.75 -10.35
CA THR A 144 5.60 -26.15 -9.96
C THR A 144 6.58 -25.01 -10.12
N PRO A 145 7.74 -25.11 -9.48
CA PRO A 145 8.78 -24.09 -9.69
C PRO A 145 9.15 -23.89 -11.16
N LYS A 146 9.25 -24.98 -11.91
CA LYS A 146 9.58 -24.88 -13.33
C LYS A 146 8.49 -24.15 -14.09
N ASP A 147 7.23 -24.51 -13.84
CA ASP A 147 6.12 -23.76 -14.41
C ASP A 147 6.23 -22.28 -14.10
N LEU A 148 6.56 -21.96 -12.85
CA LEU A 148 6.72 -20.57 -12.44
C LEU A 148 7.80 -19.86 -13.25
N LEU A 149 8.92 -20.54 -13.48
CA LEU A 149 10.00 -19.89 -14.23
C LEU A 149 9.58 -19.65 -15.68
N GLU A 150 8.93 -20.64 -16.27
CA GLU A 150 8.39 -20.46 -17.62
C GLU A 150 7.44 -19.28 -17.68
N ALA A 151 6.54 -19.18 -16.70
CA ALA A 151 5.59 -18.07 -16.65
C ALA A 151 6.32 -16.73 -16.55
N ILE A 152 7.37 -16.66 -15.75
CA ILE A 152 8.11 -15.41 -15.62
C ILE A 152 8.71 -15.02 -16.95
N VAL A 153 9.27 -16.00 -17.68
CA VAL A 153 9.86 -15.70 -18.97
C VAL A 153 8.80 -15.22 -19.94
N ARG A 154 7.62 -15.86 -19.92
CA ARG A 154 6.51 -15.41 -20.74
C ARG A 154 6.13 -13.97 -20.43
N ALA A 155 6.08 -13.64 -19.14
CA ALA A 155 5.72 -12.29 -18.72
C ALA A 155 6.71 -11.27 -19.26
N LEU A 156 7.99 -11.62 -19.23
CA LEU A 156 8.98 -10.67 -19.71
C LEU A 156 8.92 -10.53 -21.22
N SER A 157 8.58 -11.60 -21.93
CA SER A 157 8.31 -11.49 -23.36
C SER A 157 7.15 -10.53 -23.62
N ILE A 158 6.09 -10.63 -22.82
CA ILE A 158 4.97 -9.71 -22.95
C ILE A 158 5.43 -8.27 -22.74
N PHE A 159 6.07 -8.00 -21.60
CA PHE A 159 6.65 -6.68 -21.37
C PHE A 159 7.48 -6.24 -22.57
N SER A 160 8.12 -7.19 -23.25
CA SER A 160 8.96 -6.84 -24.38
C SER A 160 8.14 -6.32 -25.54
N LYS A 161 7.07 -7.04 -25.89
CA LYS A 161 6.27 -6.59 -27.02
C LYS A 161 5.55 -5.28 -26.72
N ASP A 162 5.21 -5.02 -25.47
CA ASP A 162 4.49 -3.82 -25.10
C ASP A 162 5.41 -2.65 -24.77
N GLY A 163 6.71 -2.82 -24.96
CA GLY A 163 7.63 -1.72 -24.77
C GLY A 163 7.96 -1.41 -23.34
N ILE A 164 7.71 -2.34 -22.43
CA ILE A 164 7.87 -2.11 -21.00
C ILE A 164 9.26 -2.56 -20.62
N GLU A 165 9.97 -1.70 -19.92
CA GLU A 165 11.35 -1.88 -19.55
C GLU A 165 11.46 -1.78 -18.03
N GLY A 166 12.65 -2.05 -17.51
CA GLY A 166 12.96 -1.72 -16.15
C GLY A 166 13.13 -2.93 -15.28
N PRO A 167 13.66 -2.74 -14.09
CA PRO A 167 13.76 -3.83 -13.14
C PRO A 167 12.38 -4.43 -12.89
N TYR A 168 12.37 -5.72 -12.65
CA TYR A 168 11.12 -6.43 -12.44
C TYR A 168 11.11 -7.04 -11.05
N THR A 169 9.92 -7.12 -10.48
CA THR A 169 9.75 -7.70 -9.17
C THR A 169 8.51 -8.57 -9.17
N LEU A 170 8.59 -9.62 -8.36
CA LEU A 170 7.61 -10.68 -8.27
C LEU A 170 7.01 -10.66 -6.89
N VAL A 171 5.74 -10.31 -6.81
CA VAL A 171 5.01 -10.24 -5.54
C VAL A 171 4.24 -11.54 -5.41
N ILE A 172 4.54 -12.30 -4.36
CA ILE A 172 3.98 -13.63 -4.18
C ILE A 172 3.34 -13.74 -2.81
N ASN A 173 2.33 -14.58 -2.71
CA ASN A 173 1.88 -15.04 -1.42
C ASN A 173 2.98 -15.82 -0.75
N THR A 174 3.09 -15.68 0.56
CA THR A 174 4.15 -16.35 1.31
C THR A 174 4.02 -17.86 1.22
N ASP A 175 2.81 -18.38 1.38
CA ASP A 175 2.62 -19.82 1.41
C ASP A 175 3.02 -20.48 0.10
N ARG A 176 2.64 -19.88 -1.01
CA ARG A 176 3.00 -20.44 -2.31
C ARG A 176 4.50 -20.43 -2.52
N TRP A 177 5.16 -19.34 -2.13
CA TRP A 177 6.61 -19.29 -2.18
C TRP A 177 7.24 -20.42 -1.38
N ILE A 178 6.76 -20.62 -0.14
CA ILE A 178 7.31 -21.68 0.69
C ILE A 178 7.14 -23.02 0.02
N ASN A 179 5.95 -23.28 -0.51
CA ASN A 179 5.70 -24.58 -1.14
C ASN A 179 6.51 -24.76 -2.42
N PHE A 180 6.73 -23.69 -3.18
CA PHE A 180 7.64 -23.78 -4.31
C PHE A 180 9.04 -24.14 -3.86
N LEU A 181 9.50 -23.52 -2.79
CA LEU A 181 10.81 -23.84 -2.23
C LEU A 181 10.91 -25.27 -1.73
N LYS A 182 9.80 -25.83 -1.27
CA LYS A 182 9.78 -27.20 -0.75
C LYS A 182 9.55 -28.26 -1.81
N GLU A 183 8.95 -27.92 -2.95
CA GLU A 183 8.39 -28.95 -3.81
C GLU A 183 9.47 -29.69 -4.58
N GLU A 184 10.53 -29.01 -4.99
CA GLU A 184 11.60 -29.65 -5.74
C GLU A 184 12.94 -29.06 -5.33
N ALA A 185 13.99 -29.82 -5.65
CA ALA A 185 15.33 -29.50 -5.19
C ALA A 185 15.72 -28.07 -5.59
N GLY A 186 16.72 -27.52 -4.90
CA GLY A 186 17.46 -28.15 -3.81
C GLY A 186 18.92 -28.35 -4.19
N HIS A 187 19.14 -28.71 -5.45
CA HIS A 187 20.47 -28.81 -6.00
C HIS A 187 20.92 -27.50 -6.63
N TYR A 188 20.05 -26.51 -6.59
CA TYR A 188 20.37 -25.12 -6.85
C TYR A 188 19.22 -24.29 -6.31
N PRO A 189 19.48 -23.26 -5.50
CA PRO A 189 18.37 -22.54 -4.88
C PRO A 189 17.40 -21.98 -5.90
N LEU A 190 16.11 -22.14 -5.60
CA LEU A 190 15.08 -21.64 -6.49
C LEU A 190 15.12 -20.12 -6.58
N GLU A 191 15.38 -19.46 -5.45
CA GLU A 191 15.42 -18.00 -5.47
C GLU A 191 16.42 -17.48 -6.48
N LYS A 192 17.49 -18.23 -6.70
CA LYS A 192 18.51 -17.79 -7.65
C LYS A 192 18.06 -18.03 -9.09
N ARG A 193 17.50 -19.20 -9.37
CA ARG A 193 16.87 -19.42 -10.66
C ARG A 193 15.91 -18.28 -10.98
N VAL A 194 15.16 -17.84 -9.98
CA VAL A 194 14.16 -16.81 -10.20
C VAL A 194 14.83 -15.46 -10.47
N GLU A 195 15.63 -14.99 -9.53
CA GLU A 195 16.34 -13.73 -9.71
C GLU A 195 17.09 -13.71 -11.03
N GLU A 196 17.39 -14.88 -11.60
CA GLU A 196 18.04 -14.91 -12.91
C GLU A 196 17.02 -14.77 -14.02
N CYS A 197 16.00 -15.64 -14.03
CA CYS A 197 14.91 -15.48 -14.97
C CYS A 197 14.23 -14.13 -14.78
N LEU A 198 14.05 -13.73 -13.53
CA LEU A 198 13.59 -12.39 -13.18
C LEU A 198 14.82 -11.49 -13.21
N ARG A 199 15.14 -11.03 -14.41
CA ARG A 199 16.50 -10.67 -14.76
C ARG A 199 16.92 -9.46 -13.95
N GLY A 200 17.66 -9.72 -12.87
CA GLY A 200 18.07 -8.69 -11.95
C GLY A 200 16.96 -8.11 -11.12
N GLY A 201 15.87 -8.87 -10.95
CA GLY A 201 14.71 -8.39 -10.24
C GLY A 201 14.70 -8.85 -8.80
N LYS A 202 13.52 -8.85 -8.21
CA LYS A 202 13.39 -9.34 -6.84
C LYS A 202 12.11 -10.13 -6.62
N ILE A 203 12.05 -10.70 -5.44
CA ILE A 203 10.89 -11.41 -4.94
C ILE A 203 10.46 -10.71 -3.66
N ILE A 204 9.16 -10.52 -3.51
CA ILE A 204 8.58 -9.86 -2.36
C ILE A 204 7.36 -10.64 -1.94
N THR A 205 7.43 -11.25 -0.77
CA THR A 205 6.41 -12.16 -0.30
C THR A 205 5.39 -11.38 0.52
N THR A 206 4.13 -11.47 0.11
CA THR A 206 3.12 -10.51 0.52
C THR A 206 1.87 -11.30 0.89
N PRO A 207 1.44 -11.30 2.15
CA PRO A 207 0.30 -12.14 2.55
C PRO A 207 -1.04 -11.61 2.11
N ARG A 208 -1.08 -10.43 1.50
CA ARG A 208 -2.32 -9.80 1.08
C ARG A 208 -2.64 -10.06 -0.38
N ILE A 209 -1.87 -10.95 -1.01
CA ILE A 209 -2.15 -11.44 -2.35
C ILE A 209 -2.11 -12.96 -2.27
N GLU A 210 -2.92 -13.61 -3.10
CA GLU A 210 -3.00 -15.07 -3.02
C GLU A 210 -2.03 -15.76 -3.96
N ASP A 211 -1.88 -15.26 -5.20
CA ASP A 211 -1.08 -16.02 -6.14
C ASP A 211 0.20 -15.33 -6.57
N ALA A 212 0.13 -14.27 -7.38
CA ALA A 212 1.34 -13.51 -7.70
C ALA A 212 1.06 -12.43 -8.72
N LEU A 213 1.96 -11.45 -8.72
CA LEU A 213 2.06 -10.42 -9.73
C LEU A 213 3.50 -10.25 -10.16
N VAL A 214 3.69 -9.86 -11.41
CA VAL A 214 4.97 -9.38 -11.92
C VAL A 214 4.78 -7.94 -12.33
N VAL A 215 5.67 -7.07 -11.85
CA VAL A 215 5.55 -5.66 -12.14
C VAL A 215 6.92 -5.05 -12.43
N SER A 216 6.92 -4.11 -13.35
CA SER A 216 8.11 -3.32 -13.64
C SER A 216 8.23 -2.17 -12.66
N GLU A 217 9.46 -1.76 -12.42
CA GLU A 217 9.77 -0.73 -11.44
C GLU A 217 10.43 0.48 -12.09
N ARG A 218 10.34 0.57 -13.41
CA ARG A 218 10.91 1.70 -14.11
C ARG A 218 10.40 3.03 -13.56
N GLY A 219 9.13 3.09 -13.21
CA GLY A 219 8.59 4.25 -12.51
C GLY A 219 7.50 4.93 -13.29
N GLY A 220 6.46 5.36 -12.57
CA GLY A 220 5.40 6.16 -13.12
C GLY A 220 4.19 5.38 -13.60
N ASP A 221 4.13 4.09 -13.31
CA ASP A 221 3.07 3.25 -13.83
C ASP A 221 2.02 2.92 -12.78
N PHE A 222 2.41 2.87 -11.52
CA PHE A 222 1.48 2.74 -10.40
C PHE A 222 1.84 3.80 -9.39
N LYS A 223 0.85 4.57 -8.94
CA LYS A 223 1.19 5.69 -8.09
C LYS A 223 0.13 5.93 -7.04
N LEU A 224 0.60 6.21 -5.84
CA LEU A 224 -0.22 6.50 -4.68
C LEU A 224 -0.19 8.00 -4.43
N ILE A 225 -1.37 8.60 -4.44
CA ILE A 225 -1.54 10.03 -4.26
C ILE A 225 -1.71 10.29 -2.78
N LEU A 226 -0.84 11.10 -2.23
CA LEU A 226 -0.75 11.34 -0.81
C LEU A 226 -1.13 12.77 -0.49
N GLY A 227 -2.08 12.94 0.40
CA GLY A 227 -2.40 14.23 0.95
C GLY A 227 -1.73 14.33 2.29
N GLN A 228 -2.45 14.01 3.34
CA GLN A 228 -1.89 13.83 4.66
C GLN A 228 -1.44 12.38 4.80
N ASP A 229 -0.14 12.18 4.91
CA ASP A 229 0.41 10.88 5.19
C ASP A 229 -0.02 10.40 6.57
N LEU A 230 0.37 9.18 6.92
CA LEU A 230 -0.04 8.59 8.19
C LEU A 230 0.47 9.41 9.35
N SER A 231 -0.44 9.84 10.21
CA SER A 231 -0.05 10.67 11.35
C SER A 231 -0.93 10.35 12.53
N ILE A 232 -0.37 10.51 13.72
CA ILE A 232 -1.05 10.26 14.99
C ILE A 232 -1.32 11.58 15.67
N GLY A 233 -2.55 11.76 16.14
CA GLY A 233 -2.96 12.91 16.90
C GLY A 233 -3.80 12.52 18.11
N TYR A 234 -4.38 13.51 18.77
CA TYR A 234 -5.05 13.33 20.05
C TYR A 234 -6.52 13.69 19.95
N GLU A 235 -7.37 12.92 20.62
CA GLU A 235 -8.80 13.19 20.64
C GLU A 235 -9.28 13.67 21.99
N ASP A 236 -9.07 12.89 23.05
CA ASP A 236 -9.68 13.18 24.34
C ASP A 236 -9.00 12.33 25.41
N ARG A 237 -9.57 12.38 26.61
CA ARG A 237 -9.12 11.61 27.75
C ARG A 237 -10.26 10.74 28.26
N GLU A 238 -9.90 9.68 28.99
CA GLU A 238 -10.87 8.65 29.32
C GLU A 238 -11.33 8.59 30.79
N LYS A 239 -10.71 9.21 31.80
CA LYS A 239 -9.61 10.19 31.78
C LYS A 239 -8.30 9.54 32.18
N ASP A 240 -8.38 8.38 32.83
CA ASP A 240 -7.21 7.61 33.22
C ASP A 240 -6.44 7.12 32.02
N ALA A 241 -7.03 7.19 30.85
CA ALA A 241 -6.38 6.78 29.62
C ALA A 241 -6.60 7.86 28.59
N VAL A 242 -5.62 8.01 27.71
CA VAL A 242 -5.68 8.99 26.65
C VAL A 242 -6.13 8.29 25.39
N ARG A 243 -7.04 8.94 24.67
CA ARG A 243 -7.50 8.45 23.37
C ARG A 243 -6.80 9.23 22.27
N LEU A 244 -6.09 8.51 21.43
CA LEU A 244 -5.43 9.10 20.28
C LEU A 244 -6.07 8.53 19.03
N PHE A 245 -5.65 9.07 17.89
CA PHE A 245 -6.15 8.63 16.62
C PHE A 245 -5.01 8.65 15.62
N ILE A 246 -5.19 7.89 14.55
CA ILE A 246 -4.29 7.87 13.41
C ILE A 246 -5.11 8.16 12.17
N THR A 247 -4.54 8.98 11.29
CA THR A 247 -5.28 9.50 10.15
C THR A 247 -4.39 9.56 8.92
N GLU A 248 -5.06 9.58 7.77
CA GLU A 248 -4.39 9.70 6.48
C GLU A 248 -5.37 10.17 5.42
N THR A 249 -4.85 10.68 4.31
CA THR A 249 -5.65 10.97 3.13
C THR A 249 -4.89 10.51 1.89
N PHE A 250 -5.56 9.72 1.05
CA PHE A 250 -4.85 9.10 -0.06
C PHE A 250 -5.82 8.59 -1.12
N THR A 251 -5.33 8.52 -2.35
CA THR A 251 -5.92 7.70 -3.39
C THR A 251 -4.83 6.91 -4.09
N PHE A 252 -5.24 6.09 -5.05
CA PHE A 252 -4.34 5.23 -5.80
C PHE A 252 -4.75 5.22 -7.27
N GLN A 253 -3.77 5.23 -8.15
CA GLN A 253 -4.02 5.21 -9.59
C GLN A 253 -3.05 4.27 -10.29
N VAL A 254 -3.60 3.33 -11.04
CA VAL A 254 -2.84 2.54 -11.99
C VAL A 254 -2.82 3.28 -13.31
N VAL A 255 -1.65 3.75 -13.70
CA VAL A 255 -1.50 4.58 -14.88
C VAL A 255 -1.32 3.73 -16.13
N ASN A 256 -0.34 2.82 -16.10
CA ASN A 256 0.02 2.02 -17.26
C ASN A 256 -0.10 0.55 -16.89
N PRO A 257 -1.26 -0.05 -17.14
CA PRO A 257 -1.44 -1.48 -16.85
C PRO A 257 -0.51 -2.38 -17.65
N GLU A 258 0.15 -1.86 -18.68
CA GLU A 258 1.08 -2.68 -19.43
C GLU A 258 2.28 -3.08 -18.58
N ALA A 259 2.53 -2.34 -17.51
CA ALA A 259 3.60 -2.66 -16.57
C ALA A 259 3.17 -3.64 -15.49
N LEU A 260 2.04 -4.30 -15.68
CA LEU A 260 1.45 -5.17 -14.68
C LEU A 260 1.08 -6.49 -15.35
N ILE A 261 1.38 -7.60 -14.68
CA ILE A 261 0.97 -8.92 -15.13
C ILE A 261 0.55 -9.74 -13.91
N LEU A 262 -0.61 -10.37 -14.01
CA LEU A 262 -1.12 -11.24 -12.97
C LEU A 262 -0.76 -12.69 -13.31
N LEU A 263 -0.49 -13.51 -12.29
CA LEU A 263 -0.19 -14.91 -12.49
C LEU A 263 -1.23 -15.77 -11.78
N LYS A 264 -1.95 -16.56 -12.58
CA LYS A 264 -2.98 -17.49 -12.11
C LYS A 264 -3.56 -17.14 -10.74
#